data_4ALB
#
_entry.id   4ALB
#
_cell.length_a   107.210
_cell.length_b   107.210
_cell.length_c   92.800
_cell.angle_alpha   90.00
_cell.angle_beta   90.00
_cell.angle_gamma   120.00
#
_symmetry.space_group_name_H-M   'P 32 2 1'
#
loop_
_entity.id
_entity.type
_entity.pdbx_description
1 polymer 'PHENOLIC ACID DECARBOXYLASE PADC'
2 non-polymer "4'-HYDROXYCINNAMIC ACID"
3 water water
#
_entity_poly.entity_id   1
_entity_poly.type   'polypeptide(L)'
_entity_poly.pdbx_seq_one_letter_code
;MENFIGSHMIYTYENGWEAEIYIKNDHTIDYRIHSGMVAGRWVRDQEVNIVKLTEGVYKVSWTEPTGTDVSLNFMPNEKR
MHGIIFFPKWVHEHPEITVCYQNDHIDLMKESREKYETYPKYVVPEFAEITFLKNEGVDNEEVISKAPYEGMTDDIRAGR
L
;
_entity_poly.pdbx_strand_id   A,B,C
#
# COMPACT_ATOMS: atom_id res chain seq x y z
N ASN A 3 4.53 -16.59 8.38
CA ASN A 3 3.46 -17.62 8.25
C ASN A 3 2.03 -17.05 8.39
N PHE A 4 1.52 -16.25 7.43
CA PHE A 4 0.11 -15.78 7.45
C PHE A 4 -0.77 -16.77 6.72
N ILE A 5 -0.33 -17.23 5.55
CA ILE A 5 -1.03 -18.31 4.88
C ILE A 5 -1.09 -19.45 5.87
N GLY A 6 -2.18 -20.20 5.81
CA GLY A 6 -2.37 -21.35 6.69
C GLY A 6 -3.13 -20.99 7.96
N SER A 7 -3.18 -19.70 8.26
CA SER A 7 -3.92 -19.19 9.41
C SER A 7 -5.41 -19.50 9.41
N HIS A 8 -5.90 -19.85 10.60
CA HIS A 8 -7.26 -20.24 10.83
C HIS A 8 -7.75 -19.40 12.00
N MET A 9 -8.69 -18.50 11.74
CA MET A 9 -9.12 -17.55 12.76
C MET A 9 -10.61 -17.57 12.99
N ILE A 10 -11.02 -17.17 14.19
CA ILE A 10 -12.42 -16.92 14.48
C ILE A 10 -12.44 -15.53 15.07
N TYR A 11 -13.43 -14.75 14.68
CA TYR A 11 -13.54 -13.38 15.16
C TYR A 11 -15.01 -12.97 15.27
N THR A 12 -15.25 -11.85 15.99
CA THR A 12 -16.59 -11.41 16.26
C THR A 12 -16.66 -9.95 15.90
N TYR A 13 -17.52 -9.64 14.94
CA TYR A 13 -17.71 -8.26 14.53
C TYR A 13 -18.41 -7.52 15.63
N GLU A 14 -18.16 -6.21 15.71
CA GLU A 14 -18.81 -5.32 16.70
C GLU A 14 -20.33 -5.33 16.62
N ASN A 15 -20.89 -5.75 15.50
CA ASN A 15 -22.33 -5.90 15.36
C ASN A 15 -22.83 -7.26 15.87
N GLY A 16 -21.95 -8.04 16.51
CA GLY A 16 -22.31 -9.34 17.10
C GLY A 16 -22.20 -10.57 16.22
N TRP A 17 -21.70 -10.42 14.99
CA TRP A 17 -21.62 -11.55 14.08
C TRP A 17 -20.38 -12.26 14.40
N GLU A 18 -20.40 -13.59 14.30
CA GLU A 18 -19.21 -14.41 14.55
C GLU A 18 -18.88 -15.23 13.31
N ALA A 19 -17.68 -15.02 12.77
CA ALA A 19 -17.26 -15.66 11.52
C ALA A 19 -15.92 -16.34 11.72
N GLU A 20 -15.64 -17.30 10.83
CA GLU A 20 -14.47 -18.15 10.91
C GLU A 20 -13.89 -18.24 9.50
N ILE A 21 -12.60 -17.94 9.35
CA ILE A 21 -11.93 -18.01 8.04
C ILE A 21 -10.70 -18.90 8.11
N TYR A 22 -10.39 -19.60 7.02
CA TYR A 22 -9.13 -20.34 6.89
C TYR A 22 -8.42 -19.90 5.62
N ILE A 23 -7.23 -19.32 5.79
CA ILE A 23 -6.40 -18.91 4.66
C ILE A 23 -5.66 -20.18 4.17
N LYS A 24 -6.24 -20.86 3.18
CA LYS A 24 -5.76 -22.16 2.70
C LYS A 24 -4.50 -22.06 1.80
N ASN A 25 -4.52 -21.08 0.88
CA ASN A 25 -3.46 -20.80 -0.08
C ASN A 25 -3.09 -19.34 -0.03
N ASP A 26 -2.21 -18.96 -0.95
CA ASP A 26 -2.01 -17.57 -1.27
C ASP A 26 -3.19 -16.98 -2.07
N HIS A 27 -4.10 -17.83 -2.56
CA HIS A 27 -5.21 -17.33 -3.40
C HIS A 27 -6.54 -18.02 -3.19
N THR A 28 -6.70 -18.68 -2.04
CA THR A 28 -7.89 -19.47 -1.75
C THR A 28 -8.24 -19.44 -0.26
N ILE A 29 -9.53 -19.34 0.05
CA ILE A 29 -10.00 -19.48 1.44
C ILE A 29 -11.21 -20.42 1.56
N ASP A 30 -11.43 -20.87 2.79
CA ASP A 30 -12.66 -21.51 3.20
C ASP A 30 -13.22 -20.63 4.32
N TYR A 31 -14.54 -20.61 4.51
CA TYR A 31 -15.08 -19.91 5.68
C TYR A 31 -16.42 -20.42 6.17
N ARG A 32 -16.71 -20.09 7.43
CA ARG A 32 -17.95 -20.46 8.10
C ARG A 32 -18.53 -19.26 8.78
N ILE A 33 -19.85 -19.07 8.69
CA ILE A 33 -20.52 -18.02 9.45
C ILE A 33 -21.30 -18.68 10.56
N HIS A 34 -21.09 -18.21 11.78
CA HIS A 34 -21.64 -18.85 12.95
C HIS A 34 -22.79 -18.10 13.55
N SER A 35 -22.85 -16.80 13.35
CA SER A 35 -24.00 -16.08 13.85
C SER A 35 -24.29 -14.92 12.94
N GLY A 36 -25.39 -14.25 13.23
CA GLY A 36 -25.75 -13.07 12.49
C GLY A 36 -26.77 -13.38 11.43
N MET A 37 -27.17 -12.33 10.72
CA MET A 37 -28.10 -12.39 9.58
C MET A 37 -27.98 -13.65 8.74
N VAL A 38 -26.79 -14.20 8.63
CA VAL A 38 -26.56 -15.29 7.70
C VAL A 38 -25.77 -16.47 8.30
N ALA A 39 -25.88 -16.60 9.63
CA ALA A 39 -25.45 -17.80 10.35
C ALA A 39 -25.89 -19.06 9.59
N GLY A 40 -24.97 -20.00 9.47
CA GLY A 40 -25.25 -21.26 8.79
C GLY A 40 -24.47 -21.37 7.48
N ARG A 41 -24.20 -20.23 6.84
CA ARG A 41 -23.49 -20.22 5.57
C ARG A 41 -22.04 -20.66 5.72
N TRP A 42 -21.60 -21.53 4.79
CA TRP A 42 -20.19 -21.90 4.71
C TRP A 42 -19.76 -22.24 3.30
N VAL A 43 -18.51 -21.91 3.01
CA VAL A 43 -18.01 -21.80 1.66
C VAL A 43 -16.60 -22.40 1.63
N ARG A 44 -16.27 -23.10 0.54
CA ARG A 44 -14.96 -23.71 0.38
C ARG A 44 -14.30 -23.39 -0.96
N ASP A 45 -12.98 -23.26 -0.95
CA ASP A 45 -12.22 -22.96 -2.19
C ASP A 45 -12.63 -21.63 -2.84
N GLN A 46 -12.82 -20.57 -2.05
CA GLN A 46 -13.19 -19.28 -2.61
C GLN A 46 -11.93 -18.59 -3.04
N GLU A 47 -11.79 -18.35 -4.34
CA GLU A 47 -10.59 -17.65 -4.86
C GLU A 47 -10.59 -16.26 -4.33
N VAL A 48 -9.41 -15.77 -4.01
CA VAL A 48 -9.32 -14.52 -3.30
C VAL A 48 -8.08 -13.78 -3.70
N ASN A 49 -8.08 -12.48 -3.45
CA ASN A 49 -6.89 -11.66 -3.54
C ASN A 49 -6.33 -11.45 -2.12
N ILE A 50 -5.11 -11.94 -1.89
CA ILE A 50 -4.41 -11.82 -0.62
C ILE A 50 -3.15 -10.96 -0.80
N VAL A 51 -2.94 -9.96 0.03
CA VAL A 51 -1.74 -9.14 -0.09
C VAL A 51 -1.29 -8.73 1.31
N LYS A 52 0.02 -8.48 1.44
CA LYS A 52 0.61 -7.86 2.64
C LYS A 52 0.68 -6.36 2.36
N LEU A 53 0.11 -5.53 3.24
CA LEU A 53 0.14 -4.08 3.03
C LEU A 53 1.31 -3.44 3.72
N THR A 54 1.74 -4.05 4.83
CA THR A 54 2.91 -3.65 5.61
C THR A 54 3.25 -4.81 6.53
N GLU A 55 4.25 -4.62 7.39
CA GLU A 55 4.58 -5.61 8.42
C GLU A 55 3.36 -5.71 9.31
N GLY A 56 2.79 -6.91 9.42
CA GLY A 56 1.69 -7.16 10.34
C GLY A 56 0.28 -7.04 9.78
N VAL A 57 0.11 -6.27 8.71
CA VAL A 57 -1.22 -6.00 8.14
C VAL A 57 -1.43 -6.72 6.79
N TYR A 58 -2.60 -7.33 6.63
CA TYR A 58 -2.96 -8.13 5.44
C TYR A 58 -4.39 -7.79 4.92
N LYS A 59 -4.73 -8.28 3.73
CA LYS A 59 -5.95 -7.89 3.07
C LYS A 59 -6.40 -9.03 2.19
N VAL A 60 -7.53 -9.62 2.55
CA VAL A 60 -8.15 -10.66 1.77
C VAL A 60 -9.46 -10.10 1.22
N SER A 61 -9.61 -10.10 -0.11
CA SER A 61 -10.77 -9.48 -0.74
C SER A 61 -11.23 -10.39 -1.84
N TRP A 62 -12.55 -10.42 -2.10
CA TRP A 62 -13.08 -11.25 -3.18
C TRP A 62 -14.53 -10.96 -3.48
N THR A 63 -15.03 -11.62 -4.51
CA THR A 63 -16.43 -11.55 -4.88
C THR A 63 -17.05 -12.93 -4.93
N GLU A 64 -18.33 -12.98 -4.63
CA GLU A 64 -19.04 -14.22 -4.40
C GLU A 64 -19.96 -14.52 -5.59
N PRO A 65 -20.29 -15.79 -5.79
CA PRO A 65 -21.34 -16.11 -6.74
C PRO A 65 -22.68 -15.47 -6.40
N THR A 66 -22.83 -14.96 -5.18
CA THR A 66 -24.07 -14.28 -4.79
C THR A 66 -24.09 -12.87 -5.32
N GLY A 67 -22.93 -12.30 -5.58
CA GLY A 67 -22.85 -10.90 -5.99
C GLY A 67 -22.30 -10.03 -4.89
N THR A 68 -22.07 -10.67 -3.74
CA THR A 68 -21.49 -10.02 -2.58
C THR A 68 -20.03 -9.79 -2.87
N ASP A 69 -19.54 -8.60 -2.51
CA ASP A 69 -18.15 -8.23 -2.62
C ASP A 69 -17.65 -7.99 -1.21
N VAL A 70 -16.48 -8.54 -0.90
CA VAL A 70 -15.92 -8.52 0.45
C VAL A 70 -14.50 -8.01 0.42
N SER A 71 -14.13 -7.20 1.40
CA SER A 71 -12.71 -6.86 1.61
C SER A 71 -12.33 -6.85 3.09
N LEU A 72 -11.57 -7.85 3.48
CA LEU A 72 -11.15 -8.00 4.87
C LEU A 72 -9.71 -7.55 5.07
N ASN A 73 -9.47 -6.87 6.19
CA ASN A 73 -8.11 -6.54 6.62
C ASN A 73 -7.84 -7.18 7.95
N PHE A 74 -6.69 -7.81 8.06
CA PHE A 74 -6.33 -8.53 9.27
C PHE A 74 -5.07 -7.94 9.87
N MET A 75 -5.11 -7.68 11.17
CA MET A 75 -3.89 -7.35 11.90
C MET A 75 -3.77 -8.29 13.09
N PRO A 76 -3.22 -9.49 12.87
CA PRO A 76 -3.30 -10.57 13.87
C PRO A 76 -2.51 -10.26 15.14
N ASN A 77 -1.32 -9.70 14.99
CA ASN A 77 -0.55 -9.23 16.15
C ASN A 77 -1.42 -8.44 17.12
N GLU A 78 -2.36 -7.65 16.60
CA GLU A 78 -3.25 -6.86 17.45
C GLU A 78 -4.65 -7.49 17.73
N LYS A 79 -4.74 -8.79 17.47
CA LYS A 79 -5.98 -9.54 17.75
C LYS A 79 -7.19 -8.81 17.15
N ARG A 80 -6.97 -8.03 16.10
CA ARG A 80 -8.01 -7.22 15.44
C ARG A 80 -8.08 -7.48 13.95
N MET A 81 -9.25 -7.25 13.38
CA MET A 81 -9.44 -7.24 11.92
C MET A 81 -10.60 -6.32 11.56
N HIS A 82 -10.66 -5.91 10.30
CA HIS A 82 -11.77 -5.10 9.80
C HIS A 82 -12.30 -5.70 8.54
N GLY A 83 -13.61 -5.64 8.37
CA GLY A 83 -14.26 -6.20 7.21
C GLY A 83 -15.31 -5.23 6.67
N ILE A 84 -15.42 -5.18 5.36
CA ILE A 84 -16.53 -4.48 4.73
C ILE A 84 -17.17 -5.42 3.72
N ILE A 85 -18.50 -5.54 3.81
CA ILE A 85 -19.21 -6.47 2.97
C ILE A 85 -20.23 -5.68 2.22
N PHE A 86 -20.21 -5.83 0.90
CA PHE A 86 -21.18 -5.18 0.02
C PHE A 86 -22.22 -6.23 -0.41
N PHE A 87 -23.36 -6.21 0.26
CA PHE A 87 -24.44 -7.16 0.01
C PHE A 87 -25.40 -6.62 -1.04
N PRO A 88 -25.73 -7.43 -2.04
CA PRO A 88 -26.79 -7.04 -2.98
C PRO A 88 -28.11 -6.99 -2.21
N LYS A 89 -29.00 -6.05 -2.54
CA LYS A 89 -30.23 -5.91 -1.77
C LYS A 89 -30.87 -7.26 -1.41
N TRP A 90 -30.97 -8.14 -2.38
CA TRP A 90 -31.67 -9.36 -2.15
C TRP A 90 -31.06 -10.21 -1.08
N VAL A 91 -29.75 -10.19 -0.93
CA VAL A 91 -29.17 -10.98 0.17
C VAL A 91 -29.60 -10.44 1.56
N HIS A 92 -29.83 -9.13 1.66
CA HIS A 92 -30.37 -8.53 2.88
C HIS A 92 -31.81 -8.92 3.07
N GLU A 93 -32.60 -8.92 2.01
CA GLU A 93 -33.99 -9.32 2.09
C GLU A 93 -34.17 -10.81 2.34
N HIS A 94 -33.32 -11.61 1.71
CA HIS A 94 -33.51 -13.04 1.69
C HIS A 94 -32.23 -13.75 1.96
N PRO A 95 -31.59 -13.39 3.05
CA PRO A 95 -30.33 -14.01 3.41
C PRO A 95 -30.36 -15.53 3.47
N GLU A 96 -31.53 -16.08 3.80
CA GLU A 96 -31.68 -17.51 3.93
C GLU A 96 -31.29 -18.29 2.65
N ILE A 97 -31.44 -17.68 1.48
CA ILE A 97 -31.03 -18.34 0.24
C ILE A 97 -29.56 -18.69 0.28
N THR A 98 -28.78 -17.74 0.76
CA THR A 98 -27.34 -17.89 0.83
C THR A 98 -26.90 -18.91 1.90
N VAL A 99 -27.83 -19.36 2.75
CA VAL A 99 -27.47 -20.27 3.84
C VAL A 99 -27.55 -21.71 3.36
N CYS A 100 -26.37 -22.32 3.33
CA CYS A 100 -26.13 -23.66 2.80
C CYS A 100 -24.63 -23.87 2.65
N TYR A 101 -24.24 -25.05 2.16
CA TYR A 101 -22.88 -25.30 1.70
C TYR A 101 -22.80 -24.86 0.26
N GLN A 102 -22.18 -23.70 0.02
CA GLN A 102 -22.32 -23.02 -1.26
C GLN A 102 -21.91 -23.90 -2.42
N ASN A 103 -20.83 -24.65 -2.23
CA ASN A 103 -20.21 -25.40 -3.32
C ASN A 103 -21.23 -26.34 -4.00
N ASP A 104 -22.01 -27.03 -3.20
CA ASP A 104 -23.10 -27.86 -3.74
C ASP A 104 -24.19 -27.11 -4.51
N HIS A 105 -24.28 -25.80 -4.39
CA HIS A 105 -25.40 -25.05 -5.01
C HIS A 105 -24.98 -23.72 -5.62
N ILE A 106 -23.82 -23.69 -6.27
CA ILE A 106 -23.30 -22.47 -6.85
C ILE A 106 -24.24 -21.87 -7.88
N ASP A 107 -24.80 -22.71 -8.76
CA ASP A 107 -25.66 -22.18 -9.82
C ASP A 107 -26.91 -21.55 -9.24
N LEU A 108 -27.36 -22.03 -8.09
CA LEU A 108 -28.49 -21.43 -7.41
C LEU A 108 -28.22 -19.95 -7.07
N MET A 109 -27.01 -19.68 -6.59
CA MET A 109 -26.63 -18.32 -6.21
C MET A 109 -26.62 -17.42 -7.41
N LYS A 110 -26.18 -17.96 -8.55
CA LYS A 110 -26.10 -17.18 -9.77
C LYS A 110 -27.49 -16.96 -10.31
N GLU A 111 -28.32 -18.00 -10.35
CA GLU A 111 -29.72 -17.86 -10.79
C GLU A 111 -30.43 -16.83 -9.88
N SER A 112 -30.07 -16.81 -8.61
CA SER A 112 -30.70 -15.91 -7.66
C SER A 112 -30.32 -14.44 -7.82
N ARG A 113 -29.05 -14.16 -8.04
CA ARG A 113 -28.63 -12.76 -8.13
C ARG A 113 -29.19 -12.06 -9.37
N GLU A 114 -29.52 -12.86 -10.40
CA GLU A 114 -30.25 -12.33 -11.56
C GLU A 114 -31.72 -12.15 -11.22
N LYS A 115 -32.32 -13.17 -10.61
CA LYS A 115 -33.76 -13.14 -10.29
C LYS A 115 -34.15 -11.99 -9.37
N TYR A 116 -33.42 -11.77 -8.29
CA TYR A 116 -33.81 -10.74 -7.33
C TYR A 116 -33.08 -9.40 -7.56
N GLU A 117 -33.51 -8.39 -6.83
CA GLU A 117 -32.98 -7.05 -6.98
C GLU A 117 -31.65 -6.92 -6.31
N THR A 118 -30.82 -6.07 -6.89
CA THR A 118 -29.44 -5.86 -6.43
C THR A 118 -29.26 -4.54 -5.67
N TYR A 119 -29.87 -3.47 -6.17
CA TYR A 119 -29.67 -2.13 -5.61
C TYR A 119 -30.93 -1.67 -4.85
N PRO A 120 -30.75 -0.90 -3.76
CA PRO A 120 -29.47 -0.47 -3.18
C PRO A 120 -28.81 -1.58 -2.38
N LYS A 121 -27.48 -1.59 -2.41
CA LYS A 121 -26.69 -2.59 -1.70
C LYS A 121 -26.73 -2.29 -0.19
N TYR A 122 -26.46 -3.31 0.59
CA TYR A 122 -26.48 -3.22 2.04
C TYR A 122 -25.04 -3.43 2.46
N VAL A 123 -24.43 -2.39 3.03
CA VAL A 123 -23.01 -2.37 3.30
C VAL A 123 -22.76 -2.49 4.80
N VAL A 124 -22.01 -3.52 5.20
CA VAL A 124 -21.69 -3.76 6.61
C VAL A 124 -20.18 -3.60 6.81
N PRO A 125 -19.73 -2.44 7.31
CA PRO A 125 -18.34 -2.22 7.61
C PRO A 125 -18.07 -2.18 9.10
N GLU A 126 -17.39 -3.20 9.62
CA GLU A 126 -17.22 -3.36 11.07
C GLU A 126 -15.81 -3.82 11.41
N PHE A 127 -15.41 -3.55 12.64
CA PHE A 127 -14.22 -4.20 13.19
C PHE A 127 -14.63 -5.52 13.75
N ALA A 128 -13.64 -6.30 14.15
CA ALA A 128 -13.89 -7.58 14.85
C ALA A 128 -12.71 -7.93 15.69
N GLU A 129 -12.97 -8.66 16.76
CA GLU A 129 -11.93 -9.13 17.62
C GLU A 129 -11.64 -10.56 17.26
N ILE A 130 -10.36 -10.84 17.03
CA ILE A 130 -9.95 -12.18 16.71
C ILE A 130 -9.93 -12.90 18.05
N THR A 131 -10.56 -14.05 18.12
CA THR A 131 -10.57 -14.82 19.37
C THR A 131 -10.07 -16.24 19.14
N PHE A 132 -9.33 -16.45 18.07
CA PHE A 132 -8.68 -17.72 17.77
C PHE A 132 -7.76 -17.51 16.59
N LEU A 133 -6.60 -18.16 16.64
CA LEU A 133 -5.61 -18.01 15.61
C LEU A 133 -4.65 -19.17 15.74
N LYS A 134 -4.75 -20.10 14.81
CA LYS A 134 -3.91 -21.28 14.80
C LYS A 134 -3.50 -21.48 13.36
N ASN A 135 -2.21 -21.61 13.10
CA ASN A 135 -1.79 -21.90 11.74
C ASN A 135 -2.03 -23.37 11.56
N GLU A 136 -2.68 -23.76 10.46
CA GLU A 136 -2.98 -25.16 10.20
C GLU A 136 -2.19 -25.62 8.98
N GLY A 137 -1.18 -24.82 8.61
CA GLY A 137 -0.40 -25.12 7.42
C GLY A 137 -1.25 -24.96 6.18
N VAL A 138 -0.69 -25.36 5.04
CA VAL A 138 -1.30 -25.02 3.76
C VAL A 138 -2.09 -26.18 3.18
N ASP A 139 -3.15 -25.85 2.43
CA ASP A 139 -4.00 -26.86 1.78
C ASP A 139 -4.51 -27.96 2.73
N ASN A 140 -4.73 -27.60 3.98
CA ASN A 140 -5.31 -28.52 4.95
C ASN A 140 -6.83 -28.59 4.74
N GLU A 141 -7.28 -29.62 4.04
CA GLU A 141 -8.67 -29.68 3.61
C GLU A 141 -9.65 -29.93 4.75
N GLU A 142 -9.17 -30.50 5.85
CA GLU A 142 -10.06 -30.88 6.97
C GLU A 142 -10.44 -29.69 7.88
N VAL A 143 -9.59 -28.65 7.91
CA VAL A 143 -9.81 -27.48 8.78
C VAL A 143 -11.27 -26.98 8.77
N ILE A 144 -11.84 -26.76 7.58
CA ILE A 144 -13.24 -26.41 7.45
C ILE A 144 -13.94 -27.42 6.56
N SER A 145 -14.57 -28.42 7.18
CA SER A 145 -15.15 -29.53 6.42
C SER A 145 -16.53 -29.97 6.89
N LYS A 146 -17.18 -29.20 7.76
CA LYS A 146 -18.55 -29.50 8.17
C LYS A 146 -19.28 -28.20 8.36
N ALA A 147 -20.59 -28.24 8.14
CA ALA A 147 -21.47 -27.10 8.44
C ALA A 147 -21.31 -26.71 9.91
N PRO A 148 -21.51 -25.42 10.20
CA PRO A 148 -21.38 -25.00 11.58
C PRO A 148 -22.59 -25.43 12.35
N TYR A 149 -22.41 -25.63 13.66
CA TYR A 149 -23.48 -26.02 14.59
C TYR A 149 -23.40 -25.17 15.86
N GLU A 150 -24.51 -25.06 16.58
CA GLU A 150 -24.53 -24.18 17.76
C GLU A 150 -23.47 -24.68 18.74
N GLY A 151 -22.58 -23.80 19.17
CA GLY A 151 -21.50 -24.14 20.09
C GLY A 151 -20.18 -24.47 19.43
N MET A 152 -20.19 -24.71 18.12
CA MET A 152 -18.96 -25.09 17.42
C MET A 152 -17.77 -24.17 17.72
N THR A 153 -17.98 -22.86 17.73
CA THR A 153 -16.84 -21.95 17.94
C THR A 153 -16.20 -22.27 19.29
N ASP A 154 -17.01 -22.44 20.33
CA ASP A 154 -16.46 -22.87 21.64
C ASP A 154 -15.62 -24.16 21.53
N ASP A 155 -16.21 -25.17 20.90
CA ASP A 155 -15.53 -26.44 20.72
C ASP A 155 -14.15 -26.22 20.11
N ILE A 156 -14.05 -25.34 19.10
CA ILE A 156 -12.77 -25.09 18.47
C ILE A 156 -11.83 -24.46 19.47
N ARG A 157 -12.29 -23.37 20.08
CA ARG A 157 -11.48 -22.67 21.07
C ARG A 157 -11.09 -23.56 22.26
N ALA A 158 -11.99 -24.44 22.67
CA ALA A 158 -11.66 -25.34 23.77
C ALA A 158 -10.70 -26.43 23.33
N GLY A 159 -10.48 -26.64 22.02
CA GLY A 159 -9.81 -27.83 21.53
C GLY A 159 -10.76 -29.02 21.41
N ARG A 160 -11.99 -28.88 21.94
CA ARG A 160 -12.99 -29.98 21.99
C ARG A 160 -13.64 -30.22 20.64
N GLU B 2 -6.12 9.78 12.46
CA GLU B 2 -5.00 10.72 12.74
C GLU B 2 -5.07 11.97 11.82
N ASN B 3 -3.91 12.62 11.58
CA ASN B 3 -3.81 13.79 10.66
C ASN B 3 -3.86 13.30 9.17
N PHE B 4 -4.73 12.33 8.99
CA PHE B 4 -4.92 11.65 7.73
C PHE B 4 -6.07 12.30 7.01
N ILE B 5 -7.13 12.63 7.74
CA ILE B 5 -8.17 13.46 7.15
C ILE B 5 -7.51 14.70 6.61
N GLY B 6 -8.03 15.19 5.49
CA GLY B 6 -7.53 16.41 4.83
C GLY B 6 -6.50 16.09 3.77
N SER B 7 -5.94 14.89 3.84
CA SER B 7 -4.96 14.45 2.86
C SER B 7 -5.44 14.43 1.39
N HIS B 8 -4.55 14.85 0.51
CA HIS B 8 -4.80 14.96 -0.91
C HIS B 8 -3.67 14.23 -1.60
N MET B 9 -3.96 13.12 -2.26
CA MET B 9 -2.90 12.27 -2.83
C MET B 9 -3.14 11.97 -4.30
N ILE B 10 -2.05 11.66 -5.00
CA ILE B 10 -2.11 11.17 -6.35
C ILE B 10 -1.25 9.92 -6.34
N TYR B 11 -1.71 8.88 -7.01
CA TYR B 11 -0.98 7.63 -7.05
C TYR B 11 -1.18 6.94 -8.38
N THR B 12 -0.35 5.92 -8.63
CA THR B 12 -0.36 5.25 -9.90
C THR B 12 -0.38 3.75 -9.66
N TYR B 13 -1.46 3.10 -10.09
CA TYR B 13 -1.60 1.65 -9.92
C TYR B 13 -0.66 0.93 -10.85
N GLU B 14 -0.24 -0.25 -10.42
CA GLU B 14 0.67 -1.11 -11.21
C GLU B 14 0.10 -1.50 -12.57
N ASN B 15 -1.20 -1.36 -12.78
CA ASN B 15 -1.78 -1.56 -14.10
C ASN B 15 -1.72 -0.27 -14.92
N GLY B 16 -1.04 0.76 -14.41
CA GLY B 16 -0.85 2.01 -15.17
C GLY B 16 -1.89 3.10 -14.98
N TRP B 17 -2.85 2.87 -14.10
CA TRP B 17 -3.91 3.84 -13.89
C TRP B 17 -3.42 4.87 -12.93
N GLU B 18 -3.80 6.12 -13.15
CA GLU B 18 -3.40 7.20 -12.26
C GLU B 18 -4.64 7.87 -11.72
N ALA B 19 -4.75 7.88 -10.39
CA ALA B 19 -5.93 8.41 -9.71
C ALA B 19 -5.52 9.38 -8.61
N GLU B 20 -6.47 10.21 -8.21
CA GLU B 20 -6.25 11.31 -7.31
C GLU B 20 -7.41 11.31 -6.35
N ILE B 21 -7.14 11.31 -5.04
CA ILE B 21 -8.19 11.33 -4.01
C ILE B 21 -7.99 12.48 -3.04
N TYR B 22 -9.07 13.04 -2.51
CA TYR B 22 -8.98 14.01 -1.42
C TYR B 22 -9.88 13.56 -0.27
N ILE B 23 -9.25 13.29 0.87
CA ILE B 23 -9.96 12.87 2.08
C ILE B 23 -10.50 14.14 2.75
N LYS B 24 -11.73 14.50 2.40
CA LYS B 24 -12.31 15.78 2.81
C LYS B 24 -12.74 15.78 4.30
N ASN B 25 -13.37 14.68 4.74
CA ASN B 25 -13.88 14.48 6.10
C ASN B 25 -13.46 13.15 6.66
N ASP B 26 -13.99 12.85 7.84
CA ASP B 26 -13.99 11.53 8.37
C ASP B 26 -14.99 10.61 7.62
N HIS B 27 -15.87 11.16 6.78
CA HIS B 27 -16.86 10.32 6.07
C HIS B 27 -17.15 10.71 4.64
N THR B 28 -16.24 11.45 4.01
CA THR B 28 -16.48 12.01 2.68
C THR B 28 -15.18 12.13 1.87
N ILE B 29 -15.25 11.82 0.56
CA ILE B 29 -14.14 12.10 -0.35
C ILE B 29 -14.57 12.75 -1.66
N ASP B 30 -13.59 13.34 -2.33
CA ASP B 30 -13.69 13.76 -3.74
C ASP B 30 -12.60 12.98 -4.47
N TYR B 31 -12.79 12.68 -5.75
CA TYR B 31 -11.70 12.05 -6.52
C TYR B 31 -11.73 12.32 -8.03
N ARG B 32 -10.57 12.14 -8.65
CA ARG B 32 -10.35 12.35 -10.09
C ARG B 32 -9.62 11.16 -10.65
N ILE B 33 -10.05 10.67 -11.81
CA ILE B 33 -9.30 9.64 -12.49
C ILE B 33 -8.62 10.24 -13.70
N HIS B 34 -7.32 10.02 -13.82
CA HIS B 34 -6.49 10.68 -14.81
C HIS B 34 -6.06 9.80 -15.93
N SER B 35 -5.97 8.50 -15.72
CA SER B 35 -5.73 7.59 -16.84
C SER B 35 -6.43 6.29 -16.62
N GLY B 36 -6.33 5.44 -17.62
CA GLY B 36 -6.86 4.10 -17.54
C GLY B 36 -8.20 4.02 -18.21
N MET B 37 -8.75 2.82 -18.17
CA MET B 37 -10.08 2.48 -18.69
C MET B 37 -11.13 3.58 -18.50
N VAL B 38 -11.02 4.38 -17.43
CA VAL B 38 -12.07 5.33 -17.11
C VAL B 38 -11.53 6.74 -16.80
N ALA B 39 -10.35 7.03 -17.35
CA ALA B 39 -9.80 8.40 -17.34
C ALA B 39 -10.88 9.40 -17.72
N GLY B 40 -10.94 10.50 -16.99
CA GLY B 40 -11.93 11.54 -17.23
C GLY B 40 -12.94 11.62 -16.09
N ARG B 41 -13.22 10.50 -15.46
CA ARG B 41 -14.22 10.46 -14.40
C ARG B 41 -13.78 11.25 -13.17
N TRP B 42 -14.70 12.02 -12.61
CA TRP B 42 -14.46 12.65 -11.35
C TRP B 42 -15.74 12.82 -10.53
N VAL B 43 -15.59 12.74 -9.21
CA VAL B 43 -16.69 12.51 -8.25
C VAL B 43 -16.46 13.43 -7.04
N ARG B 44 -17.55 14.00 -6.49
CA ARG B 44 -17.48 14.87 -5.32
C ARG B 44 -18.49 14.50 -4.23
N ASP B 45 -18.07 14.64 -2.97
CA ASP B 45 -18.92 14.33 -1.82
C ASP B 45 -19.36 12.88 -1.77
N GLN B 46 -18.43 11.96 -2.03
CA GLN B 46 -18.76 10.54 -2.00
C GLN B 46 -18.66 10.10 -0.55
N GLU B 47 -19.78 9.69 0.04
CA GLU B 47 -19.76 9.21 1.42
C GLU B 47 -18.96 7.96 1.48
N VAL B 48 -18.21 7.80 2.55
CA VAL B 48 -17.25 6.73 2.61
C VAL B 48 -17.08 6.24 4.02
N ASN B 49 -16.58 5.02 4.15
CA ASN B 49 -16.19 4.48 5.42
C ASN B 49 -14.69 4.64 5.55
N ILE B 50 -14.26 5.39 6.55
CA ILE B 50 -12.84 5.62 6.82
C ILE B 50 -12.46 5.02 8.17
N VAL B 51 -11.35 4.30 8.26
CA VAL B 51 -10.89 3.78 9.54
C VAL B 51 -9.37 3.72 9.59
N LYS B 52 -8.82 3.79 10.79
CA LYS B 52 -7.41 3.50 11.04
C LYS B 52 -7.36 2.03 11.44
N LEU B 53 -6.53 1.23 10.78
CA LEU B 53 -6.43 -0.20 11.12
C LEU B 53 -5.29 -0.44 12.13
N THR B 54 -4.23 0.37 12.02
CA THR B 54 -3.04 0.30 12.88
C THR B 54 -2.32 1.65 12.72
N GLU B 55 -1.20 1.84 13.42
CA GLU B 55 -0.38 3.04 13.23
C GLU B 55 0.07 2.99 11.78
N GLY B 56 -0.25 4.02 11.02
CA GLY B 56 0.24 4.18 9.66
C GLY B 56 -0.67 3.67 8.57
N VAL B 57 -1.57 2.73 8.89
CA VAL B 57 -2.45 2.11 7.88
C VAL B 57 -3.89 2.56 8.02
N TYR B 58 -4.50 2.86 6.87
CA TYR B 58 -5.88 3.37 6.79
C TYR B 58 -6.71 2.63 5.70
N LYS B 59 -8.02 2.85 5.70
CA LYS B 59 -8.90 2.11 4.82
C LYS B 59 -10.08 2.98 4.50
N VAL B 60 -10.20 3.35 3.24
CA VAL B 60 -11.34 4.09 2.73
C VAL B 60 -12.10 3.14 1.78
N SER B 61 -13.37 2.89 2.06
CA SER B 61 -14.15 1.96 1.26
C SER B 61 -15.51 2.58 1.01
N TRP B 62 -16.13 2.27 -0.13
CA TRP B 62 -17.49 2.74 -0.43
C TRP B 62 -18.11 2.09 -1.64
N THR B 63 -19.38 2.44 -1.89
CA THR B 63 -20.09 1.97 -3.07
C THR B 63 -20.66 3.15 -3.85
N GLU B 64 -20.76 2.95 -5.16
CA GLU B 64 -21.01 4.02 -6.08
C GLU B 64 -22.41 3.91 -6.61
N PRO B 65 -22.95 5.01 -7.09
CA PRO B 65 -24.22 4.93 -7.82
C PRO B 65 -24.16 4.05 -9.08
N THR B 66 -22.95 3.73 -9.52
CA THR B 66 -22.77 2.90 -10.70
C THR B 66 -22.92 1.45 -10.31
N GLY B 67 -22.73 1.11 -9.04
CA GLY B 67 -22.81 -0.27 -8.59
C GLY B 67 -21.43 -0.80 -8.26
N THR B 68 -20.44 0.06 -8.55
CA THR B 68 -19.05 -0.24 -8.29
C THR B 68 -18.84 -0.18 -6.79
N ASP B 69 -18.09 -1.14 -6.27
CA ASP B 69 -17.73 -1.19 -4.88
C ASP B 69 -16.20 -1.07 -4.84
N VAL B 70 -15.71 -0.25 -3.89
CA VAL B 70 -14.31 0.10 -3.78
C VAL B 70 -13.81 -0.09 -2.35
N SER B 71 -12.63 -0.66 -2.17
CA SER B 71 -11.96 -0.64 -0.85
C SER B 71 -10.47 -0.35 -0.95
N LEU B 72 -10.11 0.86 -0.54
CA LEU B 72 -8.75 1.32 -0.63
C LEU B 72 -8.05 1.21 0.72
N ASN B 73 -6.79 0.79 0.69
CA ASN B 73 -5.93 0.85 1.84
C ASN B 73 -4.74 1.79 1.52
N PHE B 74 -4.43 2.68 2.46
CA PHE B 74 -3.35 3.62 2.31
C PHE B 74 -2.31 3.42 3.39
N MET B 75 -1.05 3.35 2.98
CA MET B 75 0.04 3.41 3.93
C MET B 75 0.99 4.52 3.49
N PRO B 76 0.68 5.77 3.88
CA PRO B 76 1.37 6.95 3.35
C PRO B 76 2.83 7.03 3.74
N ASN B 77 3.15 6.74 4.98
CA ASN B 77 4.56 6.61 5.40
C ASN B 77 5.40 5.83 4.41
N GLU B 78 4.84 4.80 3.79
CA GLU B 78 5.57 3.97 2.82
C GLU B 78 5.28 4.33 1.36
N LYS B 79 4.71 5.52 1.15
CA LYS B 79 4.43 6.03 -0.19
C LYS B 79 3.69 4.99 -1.05
N ARG B 80 2.94 4.10 -0.39
CA ARG B 80 2.25 2.99 -1.04
C ARG B 80 0.77 2.97 -0.65
N MET B 81 -0.06 2.40 -1.53
CA MET B 81 -1.47 2.12 -1.23
C MET B 81 -1.94 0.95 -2.07
N HIS B 82 -3.07 0.36 -1.67
CA HIS B 82 -3.66 -0.76 -2.41
C HIS B 82 -5.11 -0.50 -2.57
N GLY B 83 -5.64 -0.88 -3.71
CA GLY B 83 -7.04 -0.72 -4.02
C GLY B 83 -7.61 -1.97 -4.66
N ILE B 84 -8.85 -2.27 -4.31
CA ILE B 84 -9.60 -3.28 -5.03
C ILE B 84 -10.88 -2.64 -5.48
N ILE B 85 -11.19 -2.78 -6.78
CA ILE B 85 -12.37 -2.19 -7.34
C ILE B 85 -13.24 -3.30 -7.96
N PHE B 86 -14.51 -3.37 -7.53
CA PHE B 86 -15.44 -4.36 -8.03
C PHE B 86 -16.37 -3.68 -9.03
N PHE B 87 -16.08 -3.88 -10.31
CA PHE B 87 -16.82 -3.25 -11.40
C PHE B 87 -17.92 -4.15 -11.86
N PRO B 88 -19.12 -3.63 -11.97
CA PRO B 88 -20.18 -4.37 -12.66
C PRO B 88 -19.80 -4.58 -14.13
N LYS B 89 -20.15 -5.72 -14.70
CA LYS B 89 -19.76 -5.99 -16.07
C LYS B 89 -19.91 -4.80 -16.99
N TRP B 90 -21.04 -4.14 -16.91
CA TRP B 90 -21.29 -3.09 -17.87
C TRP B 90 -20.31 -1.97 -17.78
N VAL B 91 -19.79 -1.67 -16.60
CA VAL B 91 -18.79 -0.60 -16.53
C VAL B 91 -17.51 -1.00 -17.29
N HIS B 92 -17.19 -2.30 -17.30
CA HIS B 92 -16.06 -2.79 -18.09
C HIS B 92 -16.38 -2.71 -19.54
N GLU B 93 -17.60 -3.05 -19.94
CA GLU B 93 -17.99 -2.95 -21.35
C GLU B 93 -18.13 -1.53 -21.85
N HIS B 94 -18.66 -0.66 -21.02
CA HIS B 94 -19.03 0.65 -21.45
C HIS B 94 -18.58 1.68 -20.45
N PRO B 95 -17.28 1.69 -20.13
CA PRO B 95 -16.73 2.58 -19.13
C PRO B 95 -16.98 4.05 -19.43
N GLU B 96 -17.11 4.37 -20.71
CA GLU B 96 -17.36 5.73 -21.13
C GLU B 96 -18.60 6.37 -20.49
N ILE B 97 -19.61 5.56 -20.16
CA ILE B 97 -20.82 6.09 -19.51
C ILE B 97 -20.44 6.77 -18.21
N THR B 98 -19.59 6.10 -17.45
CA THR B 98 -19.17 6.59 -16.15
C THR B 98 -18.27 7.81 -16.25
N VAL B 99 -17.82 8.16 -17.45
CA VAL B 99 -16.92 9.30 -17.62
C VAL B 99 -17.74 10.59 -17.78
N CYS B 100 -17.66 11.37 -16.70
CA CYS B 100 -18.73 12.31 -16.28
C CYS B 100 -18.26 13.09 -15.06
N TYR B 101 -18.80 14.30 -14.80
CA TYR B 101 -18.83 14.82 -13.43
C TYR B 101 -20.05 14.19 -12.79
N GLN B 102 -19.84 13.17 -11.96
CA GLN B 102 -20.90 12.27 -11.59
C GLN B 102 -22.05 13.00 -10.98
N ASN B 103 -21.74 14.00 -10.16
CA ASN B 103 -22.73 14.69 -9.33
C ASN B 103 -23.85 15.26 -10.20
N ASP B 104 -23.49 15.91 -11.29
CA ASP B 104 -24.48 16.38 -12.26
C ASP B 104 -25.33 15.29 -12.93
N HIS B 105 -24.98 14.02 -12.83
CA HIS B 105 -25.71 12.97 -13.54
C HIS B 105 -25.84 11.68 -12.77
N ILE B 106 -26.13 11.80 -11.48
CA ILE B 106 -26.25 10.62 -10.62
C ILE B 106 -27.36 9.67 -11.10
N ASP B 107 -28.51 10.22 -11.48
CA ASP B 107 -29.62 9.36 -11.87
C ASP B 107 -29.30 8.56 -13.13
N LEU B 108 -28.44 9.10 -13.99
CA LEU B 108 -27.97 8.39 -15.17
C LEU B 108 -27.28 7.10 -14.78
N MET B 109 -26.47 7.17 -13.74
CA MET B 109 -25.70 6.00 -13.31
C MET B 109 -26.63 4.93 -12.80
N LYS B 110 -27.67 5.37 -12.11
CA LYS B 110 -28.61 4.44 -11.53
C LYS B 110 -29.47 3.82 -12.62
N GLU B 111 -29.98 4.64 -13.55
CA GLU B 111 -30.73 4.10 -14.69
C GLU B 111 -29.88 3.09 -15.45
N SER B 112 -28.59 3.37 -15.54
CA SER B 112 -27.68 2.53 -16.29
C SER B 112 -27.42 1.19 -15.64
N ARG B 113 -27.20 1.15 -14.33
CA ARG B 113 -26.82 -0.11 -13.70
C ARG B 113 -27.98 -1.10 -13.72
N GLU B 114 -29.21 -0.59 -13.81
CA GLU B 114 -30.37 -1.44 -14.05
C GLU B 114 -30.43 -1.86 -15.52
N LYS B 115 -30.26 -0.92 -16.43
CA LYS B 115 -30.36 -1.20 -17.86
C LYS B 115 -29.36 -2.25 -18.35
N TYR B 116 -28.09 -2.13 -17.98
CA TYR B 116 -27.07 -3.06 -18.47
C TYR B 116 -26.81 -4.25 -17.52
N GLU B 117 -26.00 -5.19 -17.98
CA GLU B 117 -25.66 -6.37 -17.21
C GLU B 117 -24.64 -6.10 -16.13
N THR B 118 -24.77 -6.81 -15.02
CA THR B 118 -23.92 -6.63 -13.87
C THR B 118 -22.89 -7.74 -13.72
N TYR B 119 -23.30 -8.97 -13.95
CA TYR B 119 -22.43 -10.12 -13.73
C TYR B 119 -21.94 -10.69 -15.07
N PRO B 120 -20.71 -11.22 -15.11
CA PRO B 120 -19.74 -11.29 -14.02
C PRO B 120 -19.02 -9.97 -13.82
N LYS B 121 -18.69 -9.67 -12.57
CA LYS B 121 -18.03 -8.42 -12.23
C LYS B 121 -16.58 -8.49 -12.74
N TYR B 122 -15.99 -7.30 -12.90
CA TYR B 122 -14.61 -7.15 -13.34
C TYR B 122 -13.85 -6.58 -12.16
N VAL B 123 -12.94 -7.36 -11.59
CA VAL B 123 -12.29 -7.01 -10.33
C VAL B 123 -10.83 -6.60 -10.54
N VAL B 124 -10.48 -5.39 -10.12
CA VAL B 124 -9.11 -4.89 -10.30
C VAL B 124 -8.46 -4.63 -8.94
N PRO B 125 -7.61 -5.54 -8.51
CA PRO B 125 -6.89 -5.38 -7.26
C PRO B 125 -5.43 -5.10 -7.48
N GLU B 126 -4.99 -3.89 -7.18
CA GLU B 126 -3.65 -3.47 -7.53
C GLU B 126 -3.02 -2.67 -6.42
N PHE B 127 -1.69 -2.65 -6.41
CA PHE B 127 -0.97 -1.67 -5.60
C PHE B 127 -0.83 -0.39 -6.38
N ALA B 128 -0.34 0.65 -5.72
CA ALA B 128 -0.04 1.91 -6.38
C ALA B 128 1.02 2.65 -5.60
N GLU B 129 1.77 3.48 -6.31
CA GLU B 129 2.75 4.32 -5.68
C GLU B 129 2.17 5.70 -5.50
N ILE B 130 2.25 6.22 -4.28
CA ILE B 130 1.74 7.55 -3.98
C ILE B 130 2.80 8.48 -4.48
N THR B 131 2.39 9.47 -5.26
CA THR B 131 3.26 10.37 -5.95
C THR B 131 3.05 11.81 -5.55
N PHE B 132 2.22 12.01 -4.52
CA PHE B 132 1.84 13.33 -4.05
C PHE B 132 1.04 13.17 -2.76
N LEU B 133 1.26 14.06 -1.80
CA LEU B 133 0.60 13.99 -0.50
C LEU B 133 0.72 15.36 0.15
N LYS B 134 -0.38 16.10 0.17
CA LYS B 134 -0.42 17.43 0.76
C LYS B 134 -1.68 17.42 1.61
N ASN B 135 -1.59 17.75 2.88
CA ASN B 135 -2.79 17.88 3.66
C ASN B 135 -3.35 19.22 3.28
N GLU B 136 -4.64 19.28 2.97
CA GLU B 136 -5.28 20.52 2.55
C GLU B 136 -6.32 20.90 3.59
N GLY B 137 -6.19 20.33 4.77
CA GLY B 137 -7.13 20.62 5.84
C GLY B 137 -8.47 20.07 5.48
N VAL B 138 -9.46 20.38 6.29
CA VAL B 138 -10.75 19.70 6.22
C VAL B 138 -11.79 20.54 5.46
N ASP B 139 -12.70 19.85 4.78
CA ASP B 139 -13.78 20.51 4.04
C ASP B 139 -13.31 21.59 3.07
N ASN B 140 -12.13 21.42 2.50
CA ASN B 140 -11.62 22.34 1.50
C ASN B 140 -12.26 22.04 0.14
N GLU B 141 -13.30 22.79 -0.20
CA GLU B 141 -14.13 22.45 -1.35
C GLU B 141 -13.44 22.69 -2.71
N GLU B 142 -12.42 23.54 -2.73
CA GLU B 142 -11.77 23.90 -4.02
C GLU B 142 -10.75 22.85 -4.47
N VAL B 143 -10.22 22.05 -3.53
CA VAL B 143 -9.15 21.08 -3.86
C VAL B 143 -9.45 20.31 -5.14
N ILE B 144 -10.63 19.72 -5.23
CA ILE B 144 -11.05 19.02 -6.45
C ILE B 144 -12.33 19.67 -6.96
N SER B 145 -12.18 20.59 -7.91
CA SER B 145 -13.30 21.38 -8.38
C SER B 145 -13.35 21.59 -9.90
N LYS B 146 -12.55 20.82 -10.64
CA LYS B 146 -12.64 20.86 -12.09
C LYS B 146 -12.28 19.50 -12.65
N ALA B 147 -12.86 19.18 -13.79
CA ALA B 147 -12.55 17.95 -14.51
C ALA B 147 -11.05 17.84 -14.87
N PRO B 148 -10.52 16.63 -14.90
CA PRO B 148 -9.11 16.48 -15.17
C PRO B 148 -8.81 16.72 -16.63
N TYR B 149 -7.58 17.14 -16.91
CA TYR B 149 -7.08 17.38 -18.27
C TYR B 149 -5.66 16.77 -18.46
N GLU B 150 -5.26 16.52 -19.71
CA GLU B 150 -3.98 15.88 -19.98
C GLU B 150 -2.89 16.74 -19.34
N GLY B 151 -2.06 16.15 -18.49
CA GLY B 151 -0.97 16.87 -17.83
C GLY B 151 -1.30 17.39 -16.46
N MET B 152 -2.59 17.43 -16.10
CA MET B 152 -3.00 17.96 -14.78
C MET B 152 -2.21 17.42 -13.59
N THR B 153 -1.98 16.11 -13.56
CA THR B 153 -1.26 15.54 -12.42
C THR B 153 0.12 16.24 -12.30
N ASP B 154 0.86 16.39 -13.41
CA ASP B 154 2.14 17.13 -13.39
C ASP B 154 1.99 18.53 -12.81
N ASP B 155 1.00 19.26 -13.32
CA ASP B 155 0.71 20.59 -12.83
C ASP B 155 0.53 20.61 -11.32
N ILE B 156 -0.18 19.63 -10.78
CA ILE B 156 -0.37 19.58 -9.34
C ILE B 156 0.96 19.33 -8.63
N ARG B 157 1.66 18.29 -9.07
CA ARG B 157 2.97 17.96 -8.52
C ARG B 157 3.97 19.10 -8.66
N ALA B 158 3.93 19.83 -9.77
CA ALA B 158 4.83 20.98 -9.94
C ALA B 158 4.34 22.17 -9.09
N GLY B 159 3.25 22.77 -9.51
CA GLY B 159 2.76 23.94 -8.78
C GLY B 159 1.57 24.74 -9.30
N ARG B 160 1.20 24.54 -10.55
CA ARG B 160 0.07 25.27 -11.10
C ARG B 160 -1.25 24.55 -10.74
N ASN C 3 19.17 23.81 11.74
CA ASN C 3 18.60 23.07 10.58
C ASN C 3 19.61 22.16 9.83
N PHE C 4 19.40 20.83 9.89
CA PHE C 4 20.25 19.81 9.25
C PHE C 4 19.53 18.87 8.28
N ILE C 5 18.35 18.36 8.65
CA ILE C 5 17.56 17.57 7.70
C ILE C 5 17.36 18.45 6.48
N GLY C 6 17.31 17.83 5.31
CA GLY C 6 17.12 18.52 4.04
C GLY C 6 18.44 18.88 3.40
N SER C 7 19.51 18.88 4.21
CA SER C 7 20.84 19.21 3.74
C SER C 7 21.39 18.25 2.65
N HIS C 8 22.07 18.86 1.69
CA HIS C 8 22.59 18.17 0.50
C HIS C 8 24.05 18.58 0.45
N MET C 9 24.95 17.62 0.63
CA MET C 9 26.37 17.94 0.74
C MET C 9 27.22 17.12 -0.22
N ILE C 10 28.39 17.67 -0.56
CA ILE C 10 29.41 16.94 -1.31
C ILE C 10 30.68 17.15 -0.56
N TYR C 11 31.47 16.08 -0.45
CA TYR C 11 32.71 16.12 0.31
C TYR C 11 33.76 15.19 -0.29
N THR C 12 35.01 15.36 0.15
CA THR C 12 36.13 14.60 -0.39
C THR C 12 36.97 14.01 0.71
N TYR C 13 37.02 12.69 0.79
CA TYR C 13 37.79 12.02 1.83
C TYR C 13 39.27 12.20 1.57
N GLU C 14 40.06 12.19 2.63
CA GLU C 14 41.52 12.30 2.55
C GLU C 14 42.19 11.20 1.73
N ASN C 15 41.49 10.10 1.47
CA ASN C 15 41.99 9.09 0.55
C ASN C 15 41.59 9.41 -0.90
N GLY C 16 41.03 10.59 -1.14
CA GLY C 16 40.70 11.05 -2.50
C GLY C 16 39.32 10.69 -3.03
N TRP C 17 38.50 10.08 -2.20
CA TRP C 17 37.17 9.68 -2.64
C TRP C 17 36.26 10.89 -2.53
N GLU C 18 35.33 11.04 -3.47
CA GLU C 18 34.38 12.15 -3.46
C GLU C 18 32.97 11.60 -3.44
N ALA C 19 32.20 11.96 -2.40
CA ALA C 19 30.84 11.44 -2.21
C ALA C 19 29.87 12.56 -2.01
N GLU C 20 28.59 12.23 -2.20
CA GLU C 20 27.51 13.19 -2.17
C GLU C 20 26.33 12.55 -1.42
N ILE C 21 25.82 13.24 -0.39
CA ILE C 21 24.70 12.74 0.41
C ILE C 21 23.55 13.74 0.42
N TYR C 22 22.31 13.26 0.46
CA TYR C 22 21.13 14.11 0.72
C TYR C 22 20.34 13.56 1.90
N ILE C 23 20.25 14.37 2.97
CA ILE C 23 19.53 14.01 4.17
C ILE C 23 18.04 14.33 3.91
N LYS C 24 17.30 13.33 3.42
CA LYS C 24 15.92 13.52 2.93
C LYS C 24 14.88 13.66 4.06
N ASN C 25 15.01 12.81 5.08
CA ASN C 25 14.14 12.76 6.24
C ASN C 25 14.95 12.78 7.48
N ASP C 26 14.25 12.61 8.61
CA ASP C 26 14.88 12.23 9.87
C ASP C 26 15.37 10.78 9.86
N HIS C 27 14.98 9.98 8.88
CA HIS C 27 15.36 8.56 8.86
C HIS C 27 15.67 7.97 7.48
N THR C 28 15.98 8.84 6.51
CA THR C 28 16.16 8.43 5.12
C THR C 28 17.20 9.27 4.41
N ILE C 29 18.05 8.64 3.59
CA ILE C 29 18.99 9.36 2.71
C ILE C 29 19.02 8.82 1.29
N ASP C 30 19.52 9.68 0.39
CA ASP C 30 19.93 9.30 -0.96
C ASP C 30 21.41 9.63 -1.03
N TYR C 31 22.18 8.89 -1.82
CA TYR C 31 23.60 9.26 -2.02
C TYR C 31 24.20 8.83 -3.35
N ARG C 32 25.28 9.51 -3.73
CA ARG C 32 26.02 9.27 -4.96
C ARG C 32 27.50 9.19 -4.66
N ILE C 33 28.20 8.21 -5.23
CA ILE C 33 29.66 8.17 -5.12
C ILE C 33 30.27 8.57 -6.44
N HIS C 34 31.19 9.53 -6.38
CA HIS C 34 31.71 10.14 -7.58
C HIS C 34 33.09 9.69 -7.91
N SER C 35 33.87 9.29 -6.93
CA SER C 35 35.18 8.78 -7.24
C SER C 35 35.59 7.73 -6.26
N GLY C 36 36.71 7.09 -6.54
CA GLY C 36 37.26 6.09 -5.64
C GLY C 36 36.93 4.70 -6.11
N MET C 37 37.42 3.74 -5.35
CA MET C 37 37.19 2.31 -5.55
C MET C 37 35.80 1.99 -6.09
N VAL C 38 34.80 2.79 -5.74
CA VAL C 38 33.41 2.41 -6.01
C VAL C 38 32.58 3.53 -6.68
N ALA C 39 33.30 4.48 -7.29
CA ALA C 39 32.70 5.53 -8.10
C ALA C 39 31.65 4.91 -9.04
N GLY C 40 30.50 5.58 -9.15
CA GLY C 40 29.41 5.12 -9.99
C GLY C 40 28.20 4.70 -9.18
N ARG C 41 28.45 4.22 -7.97
CA ARG C 41 27.37 3.74 -7.13
C ARG C 41 26.47 4.87 -6.67
N TRP C 42 25.16 4.64 -6.73
CA TRP C 42 24.21 5.56 -6.14
C TRP C 42 22.97 4.86 -5.64
N VAL C 43 22.41 5.41 -4.56
CA VAL C 43 21.42 4.74 -3.70
C VAL C 43 20.34 5.74 -3.35
N ARG C 44 19.10 5.26 -3.31
CA ARG C 44 17.96 6.10 -2.92
C ARG C 44 17.11 5.47 -1.82
N ASP C 45 16.58 6.30 -0.93
CA ASP C 45 15.71 5.83 0.16
C ASP C 45 16.39 4.85 1.12
N GLN C 46 17.63 5.13 1.51
CA GLN C 46 18.33 4.28 2.45
C GLN C 46 17.93 4.68 3.84
N GLU C 47 17.25 3.78 4.56
CA GLU C 47 16.84 4.07 5.94
C GLU C 47 18.12 4.23 6.77
N VAL C 48 18.09 5.17 7.68
CA VAL C 48 19.29 5.52 8.42
C VAL C 48 18.95 5.92 9.84
N ASN C 49 19.95 5.86 10.70
CA ASN C 49 19.84 6.40 12.03
C ASN C 49 20.53 7.78 12.05
N ILE C 50 19.75 8.81 12.36
CA ILE C 50 20.23 10.18 12.40
C ILE C 50 20.09 10.74 13.83
N VAL C 51 21.13 11.37 14.36
CA VAL C 51 21.02 11.99 15.68
C VAL C 51 21.90 13.22 15.78
N LYS C 52 21.52 14.16 16.66
CA LYS C 52 22.39 15.30 17.05
C LYS C 52 23.16 14.86 18.29
N LEU C 53 24.47 14.95 18.25
CA LEU C 53 25.30 14.53 19.37
C LEU C 53 25.60 15.71 20.28
N THR C 54 25.67 16.89 19.68
CA THR C 54 25.97 18.16 20.36
C THR C 54 25.46 19.28 19.44
N GLU C 55 25.56 20.55 19.87
CA GLU C 55 25.29 21.69 18.98
C GLU C 55 26.33 21.59 17.86
N GLY C 56 25.87 21.51 16.61
CA GLY C 56 26.77 21.49 15.45
C GLY C 56 27.19 20.13 14.92
N VAL C 57 27.16 19.10 15.77
CA VAL C 57 27.61 17.78 15.36
C VAL C 57 26.48 16.77 15.19
N TYR C 58 26.58 15.97 14.13
CA TYR C 58 25.54 14.99 13.77
C TYR C 58 26.16 13.59 13.41
N LYS C 59 25.31 12.58 13.33
CA LYS C 59 25.77 11.20 13.09
C LYS C 59 24.68 10.49 12.29
N VAL C 60 25.03 10.14 11.06
CA VAL C 60 24.18 9.33 10.21
C VAL C 60 24.86 7.97 10.03
N SER C 61 24.17 6.89 10.41
CA SER C 61 24.77 5.57 10.38
C SER C 61 23.74 4.63 9.81
N TRP C 62 24.19 3.58 9.11
CA TRP C 62 23.28 2.54 8.58
C TRP C 62 24.00 1.32 8.02
N THR C 63 23.20 0.33 7.63
CA THR C 63 23.71 -0.87 7.03
C THR C 63 23.04 -1.08 5.66
N GLU C 64 23.80 -1.69 4.76
CA GLU C 64 23.44 -1.78 3.37
C GLU C 64 22.98 -3.17 3.03
N PRO C 65 22.20 -3.31 1.95
CA PRO C 65 21.92 -4.65 1.41
C PRO C 65 23.18 -5.38 0.95
N THR C 66 24.29 -4.67 0.81
CA THR C 66 25.53 -5.30 0.47
C THR C 66 26.19 -5.96 1.68
N GLY C 67 25.86 -5.51 2.88
CA GLY C 67 26.51 -6.02 4.10
C GLY C 67 27.46 -5.00 4.68
N THR C 68 27.60 -3.90 3.94
CA THR C 68 28.46 -2.80 4.35
C THR C 68 27.76 -2.09 5.47
N ASP C 69 28.54 -1.69 6.48
CA ASP C 69 28.05 -0.91 7.62
C ASP C 69 28.78 0.41 7.59
N VAL C 70 28.03 1.49 7.79
CA VAL C 70 28.50 2.87 7.57
C VAL C 70 28.16 3.73 8.79
N SER C 71 29.11 4.53 9.27
CA SER C 71 28.79 5.53 10.29
C SER C 71 29.47 6.85 10.00
N LEU C 72 28.66 7.82 9.59
CA LEU C 72 29.18 9.14 9.25
C LEU C 72 28.93 10.13 10.37
N ASN C 73 29.93 10.99 10.61
CA ASN C 73 29.77 12.13 11.50
C ASN C 73 29.99 13.43 10.72
N PHE C 74 29.09 14.39 10.89
CA PHE C 74 29.15 15.64 10.17
C PHE C 74 29.29 16.80 11.14
N MET C 75 30.25 17.68 10.89
CA MET C 75 30.30 18.94 11.59
C MET C 75 30.36 20.05 10.53
N PRO C 76 29.18 20.45 10.01
CA PRO C 76 29.10 21.36 8.87
C PRO C 76 29.69 22.74 9.16
N ASN C 77 29.42 23.29 10.34
CA ASN C 77 30.05 24.54 10.75
C ASN C 77 31.53 24.58 10.44
N GLU C 78 32.20 23.44 10.59
CA GLU C 78 33.63 23.37 10.34
C GLU C 78 33.90 22.73 8.98
N LYS C 79 32.93 22.80 8.08
CA LYS C 79 33.06 22.23 6.75
C LYS C 79 33.92 20.97 6.77
N ARG C 80 33.67 20.11 7.76
CA ARG C 80 34.41 18.87 7.89
C ARG C 80 33.52 17.74 8.39
N MET C 81 33.83 16.51 7.97
CA MET C 81 33.06 15.34 8.37
C MET C 81 34.00 14.15 8.48
N HIS C 82 33.55 13.10 9.16
CA HIS C 82 34.33 11.89 9.31
C HIS C 82 33.48 10.68 9.12
N GLY C 83 33.95 9.74 8.32
CA GLY C 83 33.19 8.53 8.03
C GLY C 83 34.00 7.26 8.09
N ILE C 84 33.38 6.20 8.60
CA ILE C 84 34.00 4.90 8.68
C ILE C 84 33.10 3.92 7.96
N ILE C 85 33.69 3.14 7.07
CA ILE C 85 32.92 2.21 6.24
C ILE C 85 33.47 0.82 6.47
N PHE C 86 32.58 -0.10 6.84
CA PHE C 86 32.96 -1.47 7.06
C PHE C 86 32.53 -2.31 5.87
N PHE C 87 33.50 -2.57 4.98
CA PHE C 87 33.25 -3.30 3.76
C PHE C 87 33.44 -4.78 3.97
N PRO C 88 32.49 -5.58 3.55
CA PRO C 88 32.73 -7.01 3.48
C PRO C 88 33.85 -7.31 2.49
N LYS C 89 34.70 -8.30 2.76
CA LYS C 89 35.83 -8.59 1.87
C LYS C 89 35.45 -8.50 0.41
N TRP C 90 34.35 -9.14 0.03
CA TRP C 90 34.02 -9.21 -1.37
C TRP C 90 33.80 -7.86 -2.00
N VAL C 91 33.29 -6.89 -1.26
CA VAL C 91 33.15 -5.57 -1.87
C VAL C 91 34.51 -4.94 -2.19
N HIS C 92 35.54 -5.26 -1.40
CA HIS C 92 36.89 -4.81 -1.71
C HIS C 92 37.41 -5.54 -2.90
N GLU C 93 37.15 -6.82 -3.00
CA GLU C 93 37.61 -7.60 -4.16
C GLU C 93 36.86 -7.28 -5.44
N HIS C 94 35.57 -7.03 -5.32
CA HIS C 94 34.72 -6.92 -6.48
C HIS C 94 33.81 -5.76 -6.37
N PRO C 95 34.36 -4.58 -6.13
CA PRO C 95 33.57 -3.39 -5.88
C PRO C 95 32.61 -3.10 -7.00
N GLU C 96 32.99 -3.52 -8.19
CA GLU C 96 32.19 -3.26 -9.37
C GLU C 96 30.75 -3.77 -9.25
N ILE C 97 30.54 -4.85 -8.50
CA ILE C 97 29.20 -5.42 -8.32
C ILE C 97 28.27 -4.37 -7.71
N THR C 98 28.80 -3.67 -6.73
CA THR C 98 28.05 -2.66 -6.03
C THR C 98 27.81 -1.41 -6.89
N VAL C 99 28.47 -1.29 -8.05
CA VAL C 99 28.30 -0.09 -8.93
C VAL C 99 27.09 -0.24 -9.89
N CYS C 100 26.10 0.61 -9.66
CA CYS C 100 24.78 0.59 -10.28
C CYS C 100 23.85 1.49 -9.47
N TYR C 101 22.61 1.58 -9.92
CA TYR C 101 21.52 2.19 -9.14
C TYR C 101 20.92 1.10 -8.27
N GLN C 102 21.25 1.13 -6.98
CA GLN C 102 21.04 -0.02 -6.12
C GLN C 102 19.60 -0.45 -6.13
N ASN C 103 18.71 0.54 -6.14
CA ASN C 103 17.29 0.29 -5.93
C ASN C 103 16.75 -0.69 -6.95
N ASP C 104 17.13 -0.51 -8.20
CA ASP C 104 16.74 -1.45 -9.25
C ASP C 104 17.30 -2.85 -9.09
N HIS C 105 18.28 -3.07 -8.21
CA HIS C 105 18.94 -4.38 -8.10
C HIS C 105 19.28 -4.79 -6.68
N ILE C 106 18.38 -4.52 -5.74
CA ILE C 106 18.63 -4.82 -4.35
C ILE C 106 18.85 -6.32 -4.11
N ASP C 107 18.04 -7.17 -4.74
CA ASP C 107 18.19 -8.60 -4.52
C ASP C 107 19.55 -9.12 -4.98
N LEU C 108 20.10 -8.46 -5.99
CA LEU C 108 21.45 -8.82 -6.46
C LEU C 108 22.47 -8.66 -5.32
N MET C 109 22.36 -7.57 -4.58
CA MET C 109 23.30 -7.28 -3.52
C MET C 109 23.19 -8.34 -2.44
N LYS C 110 21.97 -8.80 -2.18
CA LYS C 110 21.74 -9.77 -1.13
C LYS C 110 22.23 -11.14 -1.60
N GLU C 111 21.90 -11.52 -2.83
CA GLU C 111 22.43 -12.78 -3.38
C GLU C 111 23.97 -12.76 -3.34
N SER C 112 24.55 -11.59 -3.56
CA SER C 112 25.99 -11.45 -3.64
C SER C 112 26.68 -11.60 -2.31
N ARG C 113 26.13 -10.99 -1.27
CA ARG C 113 26.80 -11.04 0.03
C ARG C 113 26.80 -12.43 0.65
N GLU C 114 25.84 -13.26 0.24
CA GLU C 114 25.87 -14.69 0.57
C GLU C 114 26.88 -15.44 -0.31
N LYS C 115 26.85 -15.20 -1.61
CA LYS C 115 27.72 -15.88 -2.55
C LYS C 115 29.21 -15.67 -2.26
N TYR C 116 29.63 -14.43 -2.05
CA TYR C 116 31.05 -14.15 -1.84
C TYR C 116 31.46 -14.08 -0.35
N GLU C 117 32.76 -14.01 -0.12
CA GLU C 117 33.31 -14.03 1.22
C GLU C 117 33.14 -12.70 1.88
N THR C 118 32.96 -12.73 3.18
CA THR C 118 32.70 -11.54 3.97
C THR C 118 33.92 -11.10 4.79
N TYR C 119 34.62 -12.07 5.38
CA TYR C 119 35.71 -11.75 6.29
C TYR C 119 37.06 -12.07 5.62
N PRO C 120 38.11 -11.29 5.91
CA PRO C 120 38.13 -10.15 6.82
C PRO C 120 37.55 -8.95 6.14
N LYS C 121 36.91 -8.10 6.92
CA LYS C 121 36.33 -6.88 6.39
C LYS C 121 37.46 -5.87 6.02
N TYR C 122 37.13 -4.91 5.16
CA TYR C 122 38.02 -3.86 4.73
C TYR C 122 37.45 -2.56 5.27
N VAL C 123 38.17 -1.94 6.19
CA VAL C 123 37.64 -0.83 6.97
C VAL C 123 38.29 0.48 6.53
N VAL C 124 37.49 1.45 6.09
CA VAL C 124 38.01 2.73 5.58
C VAL C 124 37.51 3.86 6.47
N PRO C 125 38.36 4.33 7.38
CA PRO C 125 38.02 5.45 8.25
C PRO C 125 38.78 6.71 7.91
N GLU C 126 38.09 7.72 7.38
CA GLU C 126 38.75 8.92 6.87
C GLU C 126 37.99 10.17 7.23
N PHE C 127 38.70 11.28 7.24
CA PHE C 127 38.05 12.57 7.29
C PHE C 127 37.69 12.96 5.87
N ALA C 128 36.95 14.03 5.74
CA ALA C 128 36.63 14.60 4.43
C ALA C 128 36.29 16.09 4.56
N GLU C 129 36.52 16.83 3.48
CA GLU C 129 36.20 18.23 3.44
C GLU C 129 34.90 18.40 2.73
N ILE C 130 33.98 19.12 3.37
CA ILE C 130 32.68 19.40 2.78
C ILE C 130 32.94 20.53 1.81
N THR C 131 32.47 20.39 0.58
CA THR C 131 32.68 21.44 -0.44
C THR C 131 31.36 21.87 -1.08
N PHE C 132 30.27 21.60 -0.39
CA PHE C 132 28.94 21.99 -0.83
C PHE C 132 27.94 21.66 0.29
N LEU C 133 26.98 22.57 0.48
CA LEU C 133 25.98 22.46 1.53
C LEU C 133 24.83 23.35 1.09
N LYS C 134 23.73 22.76 0.66
CA LYS C 134 22.53 23.49 0.27
C LYS C 134 21.35 22.73 0.86
N ASN C 135 20.52 23.41 1.62
CA ASN C 135 19.38 22.72 2.16
C ASN C 135 18.40 22.66 1.00
N GLU C 136 17.80 21.49 0.77
CA GLU C 136 16.84 21.33 -0.33
C GLU C 136 15.49 21.00 0.27
N GLY C 137 15.32 21.27 1.56
CA GLY C 137 14.08 20.95 2.23
C GLY C 137 13.88 19.45 2.31
N VAL C 138 12.70 19.04 2.75
CA VAL C 138 12.44 17.65 3.12
C VAL C 138 11.70 16.90 2.02
N ASP C 139 11.98 15.60 1.93
CA ASP C 139 11.33 14.74 0.93
C ASP C 139 11.38 15.28 -0.51
N ASN C 140 12.46 15.99 -0.83
CA ASN C 140 12.70 16.45 -2.20
C ASN C 140 13.27 15.31 -3.06
N GLU C 141 12.39 14.65 -3.80
CA GLU C 141 12.75 13.40 -4.48
C GLU C 141 13.70 13.61 -5.63
N GLU C 142 13.69 14.79 -6.21
CA GLU C 142 14.41 14.99 -7.46
C GLU C 142 15.90 15.36 -7.19
N VAL C 143 16.24 15.79 -5.96
CA VAL C 143 17.63 16.20 -5.62
C VAL C 143 18.71 15.22 -6.09
N ILE C 144 18.50 13.94 -5.81
CA ILE C 144 19.35 12.89 -6.33
C ILE C 144 18.48 11.96 -7.16
N SER C 145 18.43 12.20 -8.48
CA SER C 145 17.56 11.44 -9.38
C SER C 145 18.24 10.96 -10.67
N LYS C 146 19.56 11.08 -10.77
CA LYS C 146 20.27 10.56 -11.93
C LYS C 146 21.67 10.07 -11.50
N ALA C 147 22.14 8.99 -12.15
CA ALA C 147 23.47 8.43 -11.92
C ALA C 147 24.57 9.48 -12.09
N PRO C 148 25.65 9.36 -11.34
CA PRO C 148 26.72 10.34 -11.49
C PRO C 148 27.52 10.17 -12.77
N TYR C 149 28.09 11.27 -13.26
CA TYR C 149 28.91 11.32 -14.49
C TYR C 149 30.16 12.18 -14.26
N GLU C 150 31.20 12.00 -15.08
CA GLU C 150 32.47 12.73 -14.88
C GLU C 150 32.18 14.22 -14.95
N GLY C 151 32.57 14.96 -13.91
CA GLY C 151 32.31 16.41 -13.84
C GLY C 151 31.04 16.82 -13.09
N MET C 152 30.13 15.87 -12.84
CA MET C 152 28.85 16.19 -12.16
C MET C 152 29.04 17.02 -10.90
N THR C 153 30.01 16.69 -10.07
CA THR C 153 30.17 17.42 -8.82
C THR C 153 30.38 18.90 -9.15
N ASP C 154 31.25 19.21 -10.11
CA ASP C 154 31.44 20.61 -10.55
C ASP C 154 30.12 21.25 -10.98
N ASP C 155 29.38 20.55 -11.83
CA ASP C 155 28.07 21.02 -12.27
C ASP C 155 27.13 21.35 -11.08
N ILE C 156 27.13 20.53 -10.03
CA ILE C 156 26.32 20.80 -8.83
C ILE C 156 26.81 22.07 -8.14
N ARG C 157 28.11 22.11 -7.84
CA ARG C 157 28.73 23.30 -7.26
C ARG C 157 28.56 24.56 -8.12
N ALA C 158 28.60 24.40 -9.44
CA ALA C 158 28.34 25.51 -10.37
C ALA C 158 26.88 25.90 -10.50
N GLY C 159 25.96 25.11 -9.99
CA GLY C 159 24.56 25.27 -10.33
C GLY C 159 24.25 24.66 -11.69
N ARG C 160 25.29 24.33 -12.46
CA ARG C 160 25.17 24.08 -13.91
C ARG C 160 24.59 22.69 -14.24
#